data_9FD7
#
_entry.id   9FD7
#
_cell.length_a   48.173
_cell.length_b   72.752
_cell.length_c   70.919
_cell.angle_alpha   90.00
_cell.angle_beta   96.19
_cell.angle_gamma   90.00
#
_symmetry.space_group_name_H-M   'P 1 21 1'
#
loop_
_entity.id
_entity.type
_entity.pdbx_description
1 polymer 'Deoxyribose-phosphate aldolase'
2 non-polymer GLYCEROL
3 water water
#
_entity_poly.entity_id   1
_entity_poly.type   'polypeptide(L)'
_entity_poly.pdbx_seq_one_letter_code
;MTDLKASSLRALKLMDLSTLNGDYTDEKVIALCHQAKTPVGNTAAISVYPRSIPIARKTLKEQGTPEIRIATVTNFPHGN
DDIEIALAETRAAIAYGADEVDVVFPYRALMAGNEQVGFDLVKACKEACAAANVLLKVIIETGELKDEALIRKASEISIK
AGADFIKTSTGRVAVNATPESARIMMEVIRDMGVEKSVGFKVTGGVSTAEDAQKYLAIADELFGADWADARHYRFSASGL
LASLLKALGHGDGKSASSYLEHHHHHH
;
_entity_poly.pdbx_strand_id   A,B
#
# COMPACT_ATOMS: atom_id res chain seq x y z
N LEU A 4 -7.27 -25.76 -31.06
CA LEU A 4 -6.60 -24.50 -30.61
C LEU A 4 -7.64 -23.51 -30.10
N LYS A 5 -8.81 -23.44 -30.76
CA LYS A 5 -9.86 -22.57 -30.25
C LYS A 5 -10.28 -23.01 -28.85
N ALA A 6 -10.51 -24.31 -28.65
CA ALA A 6 -10.93 -24.80 -27.34
C ALA A 6 -9.84 -24.55 -26.29
N SER A 7 -8.56 -24.79 -26.62
CA SER A 7 -7.51 -24.54 -25.64
C SER A 7 -7.39 -23.04 -25.36
N SER A 8 -7.66 -22.19 -26.36
CA SER A 8 -7.48 -20.76 -26.19
C SER A 8 -8.56 -20.18 -25.27
N LEU A 9 -9.79 -20.65 -25.45
CA LEU A 9 -10.87 -20.22 -24.58
C LEU A 9 -10.59 -20.67 -23.14
N ARG A 10 -10.11 -21.91 -23.01
CA ARG A 10 -9.79 -22.45 -21.72
C ARG A 10 -8.70 -21.61 -21.04
N ALA A 11 -7.64 -21.27 -21.79
CA ALA A 11 -6.53 -20.51 -21.23
C ALA A 11 -6.98 -19.10 -20.83
N LEU A 12 -7.80 -18.48 -21.66
CA LEU A 12 -8.25 -17.11 -21.40
C LEU A 12 -8.93 -17.07 -20.02
N LYS A 13 -9.79 -18.06 -19.75
CA LYS A 13 -10.55 -18.12 -18.52
C LYS A 13 -9.71 -18.49 -17.31
N LEU A 14 -8.43 -18.80 -17.54
CA LEU A 14 -7.45 -19.10 -16.50
C LEU A 14 -6.43 -17.97 -16.35
N MET A 15 -6.61 -16.85 -17.04
CA MET A 15 -5.60 -15.80 -16.96
C MET A 15 -5.74 -14.96 -15.69
N ASP A 16 -4.58 -14.60 -15.11
CA ASP A 16 -4.47 -13.46 -14.21
C ASP A 16 -3.93 -12.30 -15.05
N LEU A 17 -4.85 -11.42 -15.48
CA LEU A 17 -4.46 -10.41 -16.44
C LEU A 17 -3.77 -9.26 -15.72
N SER A 18 -2.58 -8.87 -16.16
CA SER A 18 -1.78 -7.88 -15.44
C SER A 18 -1.38 -6.71 -16.38
N THR A 25 -1.09 4.16 -13.29
CA THR A 25 -2.17 5.16 -13.07
C THR A 25 -3.50 4.44 -12.87
N ASP A 26 -4.43 5.11 -12.22
CA ASP A 26 -5.79 4.60 -12.08
C ASP A 26 -6.44 4.35 -13.44
N GLU A 27 -6.20 5.22 -14.42
CA GLU A 27 -6.78 5.04 -15.74
C GLU A 27 -6.34 3.69 -16.33
N LYS A 28 -5.08 3.32 -16.13
CA LYS A 28 -4.57 2.06 -16.66
C LYS A 28 -5.18 0.87 -15.92
N VAL A 29 -5.39 1.00 -14.60
CA VAL A 29 -6.03 -0.07 -13.85
C VAL A 29 -7.47 -0.25 -14.34
N ILE A 30 -8.18 0.85 -14.53
CA ILE A 30 -9.55 0.78 -15.00
C ILE A 30 -9.59 0.09 -16.37
N ALA A 31 -8.69 0.48 -17.27
CA ALA A 31 -8.60 -0.15 -18.59
C ALA A 31 -8.33 -1.65 -18.48
N LEU A 32 -7.46 -2.04 -17.54
CA LEU A 32 -7.17 -3.44 -17.33
C LEU A 32 -8.44 -4.20 -16.95
N CYS A 33 -9.22 -3.63 -16.04
CA CYS A 33 -10.45 -4.27 -15.62
C CYS A 33 -11.39 -4.42 -16.81
N HIS A 34 -11.47 -3.38 -17.66
CA HIS A 34 -12.29 -3.47 -18.85
C HIS A 34 -11.82 -4.59 -19.79
N GLN A 35 -10.50 -4.73 -19.93
CA GLN A 35 -9.92 -5.72 -20.84
C GLN A 35 -10.16 -7.13 -20.33
N ALA A 36 -10.29 -7.32 -19.02
CA ALA A 36 -10.54 -8.63 -18.44
C ALA A 36 -11.93 -9.17 -18.79
N LYS A 37 -12.86 -8.27 -19.13
CA LYS A 37 -14.21 -8.63 -19.52
C LYS A 37 -14.24 -8.73 -21.04
N THR A 38 -13.87 -9.90 -21.57
CA THR A 38 -13.63 -10.06 -22.98
C THR A 38 -14.90 -10.53 -23.68
N PRO A 39 -14.93 -10.42 -25.03
CA PRO A 39 -16.11 -10.84 -25.78
C PRO A 39 -16.42 -12.33 -25.65
N VAL A 40 -15.42 -13.14 -25.24
CA VAL A 40 -15.63 -14.58 -25.14
C VAL A 40 -15.64 -15.07 -23.69
N GLY A 41 -15.61 -14.16 -22.72
CA GLY A 41 -15.64 -14.52 -21.32
C GLY A 41 -14.64 -13.69 -20.52
N ASN A 42 -14.71 -13.87 -19.22
CA ASN A 42 -13.89 -13.15 -18.27
C ASN A 42 -12.62 -13.93 -17.97
N THR A 43 -11.54 -13.19 -17.75
CA THR A 43 -10.34 -13.85 -17.23
C THR A 43 -10.65 -14.30 -15.80
N ALA A 44 -9.79 -15.14 -15.23
CA ALA A 44 -9.99 -15.61 -13.87
C ALA A 44 -9.81 -14.48 -12.86
N ALA A 45 -8.84 -13.62 -13.17
CA ALA A 45 -8.37 -12.61 -12.26
C ALA A 45 -7.77 -11.46 -13.03
N ILE A 46 -7.63 -10.34 -12.31
CA ILE A 46 -6.68 -9.29 -12.67
C ILE A 46 -5.59 -9.29 -11.59
N SER A 47 -4.43 -8.77 -11.95
CA SER A 47 -3.31 -8.70 -11.03
C SER A 47 -2.76 -7.29 -11.07
N VAL A 48 -2.77 -6.63 -9.91
CA VAL A 48 -2.38 -5.24 -9.77
C VAL A 48 -1.49 -5.11 -8.54
N TYR A 49 -0.81 -3.98 -8.42
CA TYR A 49 -0.15 -3.66 -7.18
C TYR A 49 -1.16 -3.39 -6.07
N PRO A 50 -0.79 -3.63 -4.80
CA PRO A 50 -1.77 -3.52 -3.71
C PRO A 50 -2.58 -2.23 -3.69
N ARG A 51 -1.90 -1.11 -3.92
CA ARG A 51 -2.55 0.19 -3.82
C ARG A 51 -3.68 0.35 -4.83
N SER A 52 -3.68 -0.45 -5.89
CA SER A 52 -4.66 -0.36 -6.95
C SER A 52 -5.87 -1.23 -6.69
N ILE A 53 -5.87 -2.03 -5.64
CA ILE A 53 -6.97 -2.96 -5.42
C ILE A 53 -8.30 -2.25 -5.25
N PRO A 54 -8.41 -1.18 -4.45
CA PRO A 54 -9.73 -0.57 -4.25
C PRO A 54 -10.35 -0.07 -5.55
N ILE A 55 -9.60 0.64 -6.38
CA ILE A 55 -10.19 1.17 -7.61
C ILE A 55 -10.52 0.03 -8.56
N ALA A 56 -9.70 -1.02 -8.56
CA ALA A 56 -10.02 -2.17 -9.37
C ALA A 56 -11.33 -2.83 -8.95
N ARG A 57 -11.52 -3.00 -7.64
CA ARG A 57 -12.73 -3.62 -7.16
C ARG A 57 -13.94 -2.77 -7.56
N LYS A 58 -13.83 -1.46 -7.43
CA LYS A 58 -14.94 -0.60 -7.80
C LYS A 58 -15.29 -0.78 -9.28
N THR A 59 -14.24 -0.84 -10.11
CA THR A 59 -14.43 -0.95 -11.54
C THR A 59 -15.07 -2.29 -11.90
N LEU A 60 -14.55 -3.39 -11.34
CA LEU A 60 -15.09 -4.71 -11.62
C LEU A 60 -16.55 -4.77 -11.22
N LYS A 61 -16.91 -4.20 -10.06
CA LYS A 61 -18.31 -4.19 -9.65
C LYS A 61 -19.16 -3.37 -10.61
N GLU A 62 -18.65 -2.19 -11.02
CA GLU A 62 -19.44 -1.28 -11.85
C GLU A 62 -19.74 -1.87 -13.22
N GLN A 63 -18.81 -2.67 -13.76
CA GLN A 63 -19.00 -3.29 -15.05
C GLN A 63 -19.69 -4.65 -14.96
N GLY A 64 -20.13 -5.06 -13.78
CA GLY A 64 -20.92 -6.27 -13.66
C GLY A 64 -20.10 -7.55 -13.73
N THR A 65 -18.82 -7.48 -13.31
CA THR A 65 -17.99 -8.67 -13.26
C THR A 65 -17.39 -8.81 -11.88
N PRO A 66 -18.23 -8.89 -10.82
CA PRO A 66 -17.68 -8.96 -9.47
C PRO A 66 -16.96 -10.27 -9.14
N GLU A 67 -17.09 -11.28 -9.99
CA GLU A 67 -16.54 -12.60 -9.74
C GLU A 67 -15.12 -12.67 -10.32
N ILE A 68 -14.67 -11.67 -11.09
CA ILE A 68 -13.27 -11.62 -11.46
C ILE A 68 -12.43 -11.34 -10.20
N ARG A 69 -11.47 -12.21 -9.93
CA ARG A 69 -10.70 -12.12 -8.70
C ARG A 69 -9.66 -11.01 -8.83
N ILE A 70 -9.28 -10.46 -7.68
CA ILE A 70 -8.20 -9.50 -7.67
C ILE A 70 -7.00 -10.13 -6.94
N ALA A 71 -5.94 -10.31 -7.71
CA ALA A 71 -4.65 -10.82 -7.22
C ALA A 71 -3.70 -9.65 -7.13
N THR A 72 -2.76 -9.80 -6.20
CA THR A 72 -1.71 -8.81 -6.09
C THR A 72 -0.41 -9.54 -5.75
N VAL A 73 0.64 -8.76 -5.51
CA VAL A 73 1.98 -9.29 -5.29
C VAL A 73 2.57 -8.68 -4.04
N THR A 74 3.34 -9.48 -3.30
CA THR A 74 4.07 -9.00 -2.15
C THR A 74 5.46 -9.62 -2.11
N ASN A 75 6.31 -9.03 -1.30
CA ASN A 75 7.73 -9.41 -1.27
C ASN A 75 8.32 -9.34 -2.69
N PHE A 76 7.87 -8.40 -3.50
CA PHE A 76 7.97 -8.47 -4.93
C PHE A 76 8.71 -7.29 -5.53
N PRO A 77 9.57 -7.51 -6.57
CA PRO A 77 9.86 -8.82 -7.15
C PRO A 77 11.07 -9.51 -6.52
N HIS A 78 11.65 -8.88 -5.50
CA HIS A 78 12.96 -9.24 -5.00
C HIS A 78 13.01 -10.59 -4.30
N GLY A 79 11.99 -11.07 -3.65
CA GLY A 79 12.10 -12.29 -2.87
C GLY A 79 13.12 -12.15 -1.75
N ASN A 80 13.14 -11.01 -1.09
CA ASN A 80 13.99 -10.84 0.07
C ASN A 80 13.56 -11.78 1.20
N ASP A 81 14.44 -11.97 2.18
CA ASP A 81 14.24 -12.95 3.24
C ASP A 81 13.89 -12.31 4.58
N ASP A 82 13.30 -11.10 4.54
CA ASP A 82 12.81 -10.44 5.74
C ASP A 82 11.33 -10.78 5.91
N ILE A 83 11.06 -11.70 6.82
CA ILE A 83 9.73 -12.25 7.00
C ILE A 83 8.79 -11.14 7.44
N GLU A 84 9.22 -10.30 8.38
CA GLU A 84 8.37 -9.26 8.91
C GLU A 84 7.93 -8.28 7.82
N ILE A 85 8.82 -7.96 6.87
CA ILE A 85 8.41 -7.08 5.79
C ILE A 85 7.44 -7.80 4.87
N ALA A 86 7.74 -9.04 4.48
CA ALA A 86 6.84 -9.78 3.61
C ALA A 86 5.46 -9.91 4.24
N LEU A 87 5.43 -10.18 5.53
CA LEU A 87 4.16 -10.33 6.25
C LEU A 87 3.40 -9.00 6.30
N ALA A 88 4.07 -7.89 6.60
CA ALA A 88 3.40 -6.60 6.63
C ALA A 88 2.77 -6.29 5.27
N GLU A 89 3.52 -6.57 4.20
CA GLU A 89 3.02 -6.29 2.86
C GLU A 89 1.81 -7.18 2.57
N THR A 90 1.86 -8.45 2.98
CA THR A 90 0.78 -9.39 2.78
C THR A 90 -0.45 -8.92 3.56
N ARG A 91 -0.28 -8.53 4.82
CA ARG A 91 -1.40 -8.03 5.62
C ARG A 91 -1.99 -6.80 4.95
N ALA A 92 -1.16 -5.92 4.40
CA ALA A 92 -1.67 -4.73 3.72
C ALA A 92 -2.47 -5.12 2.49
N ALA A 93 -1.98 -6.07 1.68
CA ALA A 93 -2.69 -6.52 0.51
C ALA A 93 -4.06 -7.03 0.91
N ILE A 94 -4.12 -7.84 1.96
CA ILE A 94 -5.39 -8.36 2.46
C ILE A 94 -6.30 -7.18 2.84
N ALA A 95 -5.76 -6.21 3.58
CA ALA A 95 -6.56 -5.09 4.07
C ALA A 95 -7.06 -4.24 2.92
N TYR A 96 -6.32 -4.10 1.85
CA TYR A 96 -6.76 -3.37 0.67
C TYR A 96 -7.95 -4.06 -0.01
N GLY A 97 -8.08 -5.37 0.18
CA GLY A 97 -9.17 -6.16 -0.38
C GLY A 97 -8.76 -7.26 -1.34
N ALA A 98 -7.49 -7.68 -1.36
CA ALA A 98 -7.09 -8.72 -2.30
C ALA A 98 -7.96 -9.97 -2.10
N ASP A 99 -8.21 -10.67 -3.20
CA ASP A 99 -8.70 -12.04 -3.14
C ASP A 99 -7.57 -13.06 -3.08
N GLU A 100 -6.44 -12.67 -3.67
CA GLU A 100 -5.29 -13.57 -3.77
C GLU A 100 -4.04 -12.71 -3.64
N VAL A 101 -3.02 -13.30 -3.01
CA VAL A 101 -1.72 -12.68 -2.86
C VAL A 101 -0.67 -13.63 -3.42
N ASP A 102 0.16 -13.07 -4.31
CA ASP A 102 1.28 -13.85 -4.87
C ASP A 102 2.54 -13.30 -4.22
N VAL A 103 3.11 -14.08 -3.31
CA VAL A 103 4.31 -13.68 -2.57
C VAL A 103 5.54 -14.29 -3.22
N VAL A 104 6.63 -13.53 -3.25
CA VAL A 104 7.89 -14.10 -3.77
C VAL A 104 8.58 -14.85 -2.65
N PHE A 105 8.90 -16.12 -2.95
CA PHE A 105 9.70 -16.99 -2.10
C PHE A 105 11.12 -16.42 -2.00
N PRO A 106 11.78 -16.58 -0.83
CA PRO A 106 13.16 -16.12 -0.67
C PRO A 106 14.12 -17.10 -1.34
N TYR A 107 14.18 -16.99 -2.64
CA TYR A 107 14.89 -17.98 -3.45
C TYR A 107 16.39 -17.79 -3.27
N ARG A 108 16.89 -16.56 -3.11
CA ARG A 108 18.31 -16.38 -2.89
C ARG A 108 18.71 -17.02 -1.58
N ALA A 109 17.86 -16.93 -0.56
CA ALA A 109 18.20 -17.58 0.70
C ALA A 109 18.29 -19.09 0.53
N LEU A 110 17.40 -19.68 -0.26
CA LEU A 110 17.45 -21.12 -0.51
C LEU A 110 18.73 -21.50 -1.24
N MET A 111 19.13 -20.66 -2.19
CA MET A 111 20.33 -20.92 -2.96
C MET A 111 21.55 -20.81 -2.05
N ALA A 112 21.43 -20.09 -0.92
CA ALA A 112 22.48 -19.98 0.08
C ALA A 112 22.32 -21.02 1.20
N GLY A 113 21.45 -22.02 1.01
CA GLY A 113 21.31 -23.14 1.90
C GLY A 113 20.34 -22.96 3.06
N ASN A 114 19.56 -21.88 3.04
CA ASN A 114 18.61 -21.61 4.09
C ASN A 114 17.21 -22.00 3.61
N GLU A 115 16.79 -23.21 3.96
CA GLU A 115 15.47 -23.70 3.62
C GLU A 115 14.44 -23.18 4.61
N GLN A 116 14.83 -22.98 5.86
CA GLN A 116 13.90 -22.70 6.92
C GLN A 116 13.24 -21.33 6.70
N VAL A 117 14.00 -20.35 6.23
CA VAL A 117 13.42 -19.02 6.14
C VAL A 117 12.31 -19.03 5.09
N GLY A 118 12.48 -19.78 3.99
CA GLY A 118 11.42 -19.90 2.99
C GLY A 118 10.16 -20.52 3.58
N PHE A 119 10.33 -21.59 4.36
CA PHE A 119 9.20 -22.21 5.03
C PHE A 119 8.50 -21.20 5.93
N ASP A 120 9.29 -20.50 6.74
CA ASP A 120 8.73 -19.60 7.74
C ASP A 120 8.01 -18.43 7.06
N LEU A 121 8.61 -17.91 5.98
CA LEU A 121 8.04 -16.77 5.29
C LEU A 121 6.70 -17.15 4.67
N VAL A 122 6.68 -18.25 3.93
CA VAL A 122 5.47 -18.74 3.30
C VAL A 122 4.41 -19.02 4.37
N LYS A 123 4.80 -19.71 5.44
CA LYS A 123 3.85 -20.06 6.47
C LYS A 123 3.22 -18.81 7.10
N ALA A 124 4.02 -17.79 7.40
CA ALA A 124 3.52 -16.58 8.02
C ALA A 124 2.47 -15.96 7.09
N CYS A 125 2.82 -15.85 5.80
CA CYS A 125 1.94 -15.25 4.82
C CYS A 125 0.66 -16.07 4.66
N LYS A 126 0.79 -17.41 4.63
CA LYS A 126 -0.37 -18.28 4.50
C LYS A 126 -1.30 -18.12 5.70
N GLU A 127 -0.76 -17.99 6.91
CA GLU A 127 -1.61 -17.86 8.08
C GLU A 127 -2.45 -16.59 7.99
N ALA A 128 -1.81 -15.51 7.54
CA ALA A 128 -2.54 -14.25 7.38
C ALA A 128 -3.62 -14.40 6.32
N CYS A 129 -3.27 -14.99 5.19
CA CYS A 129 -4.19 -15.13 4.09
C CYS A 129 -5.35 -16.03 4.49
N ALA A 130 -5.05 -17.17 5.10
CA ALA A 130 -6.10 -18.11 5.43
C ALA A 130 -7.12 -17.49 6.38
N ALA A 131 -6.64 -16.70 7.34
CA ALA A 131 -7.54 -16.05 8.30
C ALA A 131 -8.55 -15.15 7.58
N ALA A 132 -8.20 -14.65 6.39
CA ALA A 132 -9.03 -13.73 5.63
C ALA A 132 -9.68 -14.36 4.40
N ASN A 133 -9.58 -15.69 4.26
CA ASN A 133 -10.13 -16.41 3.12
C ASN A 133 -9.50 -15.93 1.81
N VAL A 134 -8.20 -15.62 1.86
CA VAL A 134 -7.43 -15.15 0.71
C VAL A 134 -6.52 -16.28 0.27
N LEU A 135 -6.42 -16.50 -1.04
CA LEU A 135 -5.53 -17.53 -1.55
C LEU A 135 -4.11 -17.01 -1.63
N LEU A 136 -3.13 -17.87 -1.30
CA LEU A 136 -1.72 -17.51 -1.41
C LEU A 136 -1.06 -18.29 -2.54
N LYS A 137 -0.48 -17.54 -3.48
CA LYS A 137 0.39 -18.15 -4.47
C LYS A 137 1.80 -17.81 -4.08
N VAL A 138 2.73 -18.74 -4.34
CA VAL A 138 4.14 -18.54 -4.00
C VAL A 138 4.97 -18.58 -5.26
N ILE A 139 5.65 -17.47 -5.57
CA ILE A 139 6.50 -17.34 -6.73
C ILE A 139 7.87 -17.87 -6.35
N ILE A 140 8.34 -18.92 -7.03
CA ILE A 140 9.65 -19.46 -6.65
C ILE A 140 10.80 -18.93 -7.52
N GLU A 141 10.49 -18.28 -8.64
CA GLU A 141 11.52 -17.68 -9.52
C GLU A 141 12.39 -18.76 -10.14
N THR A 142 11.76 -19.61 -10.95
CA THR A 142 12.49 -20.74 -11.54
C THR A 142 13.66 -20.29 -12.42
N GLY A 143 13.55 -19.13 -13.05
CA GLY A 143 14.58 -18.59 -13.90
C GLY A 143 15.83 -18.16 -13.14
N GLU A 144 15.73 -17.94 -11.82
CA GLU A 144 16.91 -17.65 -11.01
C GLU A 144 17.39 -18.93 -10.33
N LEU A 145 16.47 -19.81 -9.92
CA LEU A 145 16.90 -21.06 -9.32
C LEU A 145 17.68 -21.92 -10.32
N LYS A 146 17.14 -22.02 -11.55
CA LYS A 146 17.76 -22.70 -12.68
C LYS A 146 17.77 -24.24 -12.54
N ASP A 147 18.29 -24.73 -11.45
CA ASP A 147 18.52 -26.14 -11.27
C ASP A 147 17.22 -26.88 -10.91
N GLU A 148 16.99 -28.06 -11.52
CA GLU A 148 15.84 -28.89 -11.24
C GLU A 148 15.69 -29.15 -9.74
N ALA A 149 16.77 -29.54 -9.07
CA ALA A 149 16.71 -29.88 -7.67
C ALA A 149 16.23 -28.69 -6.83
N LEU A 150 16.72 -27.48 -7.15
CA LEU A 150 16.31 -26.29 -6.42
C LEU A 150 14.86 -25.94 -6.72
N ILE A 151 14.42 -26.11 -7.96
CA ILE A 151 13.03 -25.83 -8.30
C ILE A 151 12.13 -26.78 -7.52
N ARG A 152 12.49 -28.06 -7.47
CA ARG A 152 11.71 -29.03 -6.69
C ARG A 152 11.70 -28.63 -5.21
N LYS A 153 12.86 -28.28 -4.66
CA LYS A 153 12.97 -27.98 -3.25
C LYS A 153 12.11 -26.75 -2.90
N ALA A 154 12.21 -25.69 -3.69
CA ALA A 154 11.42 -24.50 -3.42
C ALA A 154 9.92 -24.82 -3.50
N SER A 155 9.53 -25.64 -4.47
CA SER A 155 8.15 -26.06 -4.62
C SER A 155 7.68 -26.85 -3.38
N GLU A 156 8.52 -27.79 -2.95
CA GLU A 156 8.20 -28.65 -1.83
C GLU A 156 8.04 -27.83 -0.55
N ILE A 157 9.01 -26.94 -0.27
CA ILE A 157 8.96 -26.13 0.93
C ILE A 157 7.69 -25.28 0.91
N SER A 158 7.41 -24.66 -0.24
CA SER A 158 6.23 -23.79 -0.37
C SER A 158 4.97 -24.56 -0.05
N ILE A 159 4.85 -25.76 -0.61
CA ILE A 159 3.69 -26.61 -0.40
C ILE A 159 3.56 -27.00 1.08
N LYS A 160 4.66 -27.43 1.68
CA LYS A 160 4.63 -27.82 3.07
C LYS A 160 4.21 -26.66 3.98
N ALA A 161 4.61 -25.44 3.61
CA ALA A 161 4.27 -24.25 4.38
C ALA A 161 2.85 -23.75 4.11
N GLY A 162 2.15 -24.33 3.13
CA GLY A 162 0.72 -24.12 2.95
C GLY A 162 0.35 -23.33 1.69
N ALA A 163 1.26 -23.18 0.73
CA ALA A 163 0.93 -22.49 -0.51
C ALA A 163 -0.32 -23.09 -1.13
N ASP A 164 -1.19 -22.24 -1.65
CA ASP A 164 -2.36 -22.69 -2.39
C ASP A 164 -2.05 -22.81 -3.88
N PHE A 165 -1.01 -22.13 -4.33
CA PHE A 165 -0.51 -22.24 -5.69
C PHE A 165 1.01 -22.10 -5.63
N ILE A 166 1.71 -22.80 -6.54
CA ILE A 166 3.10 -22.46 -6.79
C ILE A 166 3.20 -21.86 -8.19
N LYS A 167 4.00 -20.81 -8.33
CA LYS A 167 4.04 -19.94 -9.48
C LYS A 167 5.47 -19.83 -9.99
N THR A 168 5.63 -19.85 -11.31
CA THR A 168 7.00 -19.99 -11.81
C THR A 168 7.86 -18.76 -11.49
N SER A 169 7.33 -17.55 -11.70
CA SER A 169 8.14 -16.39 -11.99
C SER A 169 7.46 -15.07 -11.62
N THR A 170 8.31 -14.06 -11.47
CA THR A 170 7.83 -12.70 -11.29
C THR A 170 7.49 -11.99 -12.59
N GLY A 171 8.10 -12.43 -13.69
CA GLY A 171 8.06 -11.67 -14.92
C GLY A 171 9.06 -10.51 -14.94
N ARG A 172 9.93 -10.41 -13.92
CA ARG A 172 10.80 -9.25 -13.78
C ARG A 172 12.27 -9.61 -13.92
N VAL A 173 12.54 -10.88 -14.23
CA VAL A 173 13.91 -11.33 -14.46
C VAL A 173 14.03 -11.80 -15.90
N ALA A 174 15.26 -12.11 -16.31
CA ALA A 174 15.55 -12.44 -17.70
C ALA A 174 14.80 -13.69 -18.17
N VAL A 175 14.74 -14.70 -17.30
CA VAL A 175 14.15 -15.98 -17.67
C VAL A 175 12.96 -16.23 -16.76
N ASN A 176 11.81 -16.46 -17.40
CA ASN A 176 10.56 -16.72 -16.69
C ASN A 176 10.22 -18.19 -16.92
N ALA A 177 8.97 -18.55 -17.14
CA ALA A 177 8.62 -19.96 -17.24
C ALA A 177 9.23 -20.59 -18.48
N THR A 178 9.50 -21.90 -18.35
CA THR A 178 9.77 -22.77 -19.48
C THR A 178 8.86 -23.97 -19.35
N PRO A 179 8.63 -24.75 -20.42
CA PRO A 179 7.86 -25.97 -20.28
C PRO A 179 8.48 -26.93 -19.28
N GLU A 180 9.81 -26.98 -19.23
CA GLU A 180 10.46 -27.89 -18.30
C GLU A 180 10.24 -27.45 -16.85
N SER A 181 10.37 -26.16 -16.57
CA SER A 181 10.15 -25.73 -15.19
C SER A 181 8.69 -25.94 -14.80
N ALA A 182 7.74 -25.76 -15.72
CA ALA A 182 6.34 -26.05 -15.47
C ALA A 182 6.11 -27.52 -15.15
N ARG A 183 6.74 -28.41 -15.95
CA ARG A 183 6.58 -29.84 -15.74
C ARG A 183 7.14 -30.22 -14.36
N ILE A 184 8.33 -29.69 -14.03
CA ILE A 184 8.94 -30.02 -12.75
C ILE A 184 8.03 -29.64 -11.60
N MET A 185 7.48 -28.42 -11.65
CA MET A 185 6.65 -27.94 -10.55
C MET A 185 5.36 -28.77 -10.43
N MET A 186 4.75 -29.08 -11.58
CA MET A 186 3.54 -29.88 -11.52
C MET A 186 3.83 -31.31 -11.07
N GLU A 187 5.01 -31.86 -11.41
CA GLU A 187 5.39 -33.15 -10.89
C GLU A 187 5.52 -33.12 -9.36
N VAL A 188 6.01 -32.01 -8.79
CA VAL A 188 6.08 -31.94 -7.34
C VAL A 188 4.67 -32.01 -6.73
N ILE A 189 3.73 -31.26 -7.32
CA ILE A 189 2.35 -31.31 -6.85
C ILE A 189 1.82 -32.74 -6.87
N ARG A 190 2.06 -33.42 -8.00
CA ARG A 190 1.59 -34.79 -8.15
C ARG A 190 2.27 -35.71 -7.14
N ASP A 191 3.60 -35.60 -7.03
CA ASP A 191 4.38 -36.53 -6.23
C ASP A 191 4.03 -36.37 -4.74
N MET A 192 3.78 -35.14 -4.32
CA MET A 192 3.42 -34.86 -2.94
C MET A 192 1.96 -35.21 -2.63
N GLY A 193 1.16 -35.51 -3.66
CA GLY A 193 -0.22 -35.91 -3.47
C GLY A 193 -1.15 -34.73 -3.13
N VAL A 194 -0.77 -33.53 -3.56
CA VAL A 194 -1.46 -32.31 -3.15
C VAL A 194 -2.25 -31.69 -4.29
N GLU A 195 -2.54 -32.44 -5.34
CA GLU A 195 -3.20 -31.89 -6.51
C GLU A 195 -4.59 -31.32 -6.16
N LYS A 196 -5.24 -31.79 -5.11
CA LYS A 196 -6.55 -31.24 -4.78
C LYS A 196 -6.42 -29.82 -4.24
N SER A 197 -5.32 -29.53 -3.53
CA SER A 197 -5.21 -28.32 -2.73
C SER A 197 -4.21 -27.30 -3.28
N VAL A 198 -3.39 -27.68 -4.27
CA VAL A 198 -2.34 -26.79 -4.75
C VAL A 198 -2.47 -26.65 -6.27
N GLY A 199 -2.53 -25.41 -6.72
CA GLY A 199 -2.52 -25.09 -8.12
C GLY A 199 -1.13 -24.70 -8.63
N PHE A 200 -1.08 -24.51 -9.94
CA PHE A 200 0.14 -24.14 -10.65
C PHE A 200 -0.14 -22.89 -11.49
N LYS A 201 0.78 -21.92 -11.45
N LYS A 201 0.78 -21.92 -11.45
CA LYS A 201 0.64 -20.72 -12.27
CA LYS A 201 0.65 -20.73 -12.27
C LYS A 201 1.90 -20.49 -13.10
C LYS A 201 1.90 -20.49 -13.10
N VAL A 202 1.69 -20.34 -14.41
CA VAL A 202 2.77 -20.03 -15.35
C VAL A 202 2.82 -18.52 -15.56
N THR A 203 4.00 -17.93 -15.33
CA THR A 203 4.23 -16.54 -15.64
C THR A 203 5.37 -16.45 -16.63
N GLY A 204 5.11 -15.76 -17.74
CA GLY A 204 6.09 -15.65 -18.80
C GLY A 204 6.15 -16.93 -19.63
N GLY A 205 6.88 -16.88 -20.74
CA GLY A 205 7.10 -18.03 -21.59
C GLY A 205 5.86 -18.47 -22.38
N VAL A 206 4.75 -17.74 -22.32
CA VAL A 206 3.53 -18.16 -22.98
C VAL A 206 3.02 -17.00 -23.81
N SER A 207 3.65 -16.82 -24.97
CA SER A 207 3.44 -15.66 -25.80
C SER A 207 2.22 -15.89 -26.68
N THR A 208 1.96 -17.15 -27.06
CA THR A 208 0.96 -17.43 -28.05
C THR A 208 -0.06 -18.43 -27.53
N ALA A 209 -1.17 -18.49 -28.26
CA ALA A 209 -2.20 -19.48 -28.06
C ALA A 209 -1.60 -20.89 -28.17
N GLU A 210 -0.67 -21.10 -29.11
CA GLU A 210 -0.03 -22.41 -29.25
C GLU A 210 0.79 -22.77 -28.01
N ASP A 211 1.50 -21.80 -27.46
CA ASP A 211 2.21 -22.00 -26.21
C ASP A 211 1.25 -22.39 -25.09
N ALA A 212 0.11 -21.67 -24.98
CA ALA A 212 -0.80 -21.94 -23.90
C ALA A 212 -1.30 -23.39 -23.99
N GLN A 213 -1.57 -23.84 -25.22
CA GLN A 213 -2.06 -25.19 -25.42
C GLN A 213 -1.05 -26.19 -24.87
N LYS A 214 0.25 -25.95 -25.11
CA LYS A 214 1.27 -26.87 -24.68
C LYS A 214 1.35 -26.90 -23.15
N TYR A 215 1.29 -25.74 -22.51
CA TYR A 215 1.36 -25.70 -21.05
C TYR A 215 0.16 -26.40 -20.42
N LEU A 216 -1.03 -26.21 -21.01
CA LEU A 216 -2.21 -26.90 -20.53
C LEU A 216 -2.07 -28.41 -20.71
N ALA A 217 -1.45 -28.83 -21.82
CA ALA A 217 -1.32 -30.25 -22.09
C ALA A 217 -0.46 -30.94 -21.04
N ILE A 218 0.52 -30.21 -20.47
CA ILE A 218 1.33 -30.78 -19.41
C ILE A 218 0.44 -31.15 -18.23
N ALA A 219 -0.43 -30.23 -17.82
CA ALA A 219 -1.35 -30.49 -16.71
C ALA A 219 -2.28 -31.65 -17.04
N ASP A 220 -2.84 -31.64 -18.26
CA ASP A 220 -3.78 -32.68 -18.66
C ASP A 220 -3.12 -34.05 -18.62
N GLU A 221 -1.86 -34.12 -19.05
CA GLU A 221 -1.15 -35.38 -19.05
C GLU A 221 -0.83 -35.86 -17.64
N LEU A 222 -0.49 -34.93 -16.73
CA LEU A 222 -0.10 -35.33 -15.38
C LEU A 222 -1.30 -35.72 -14.53
N PHE A 223 -2.39 -34.95 -14.65
CA PHE A 223 -3.47 -35.08 -13.69
C PHE A 223 -4.80 -35.52 -14.28
N GLY A 224 -4.94 -35.46 -15.60
CA GLY A 224 -6.22 -35.64 -16.22
C GLY A 224 -6.77 -34.28 -16.65
N ALA A 225 -7.62 -34.29 -17.68
CA ALA A 225 -8.01 -33.08 -18.36
C ALA A 225 -8.93 -32.18 -17.53
N ASP A 226 -9.53 -32.69 -16.45
CA ASP A 226 -10.45 -31.89 -15.64
C ASP A 226 -9.73 -31.13 -14.52
N TRP A 227 -8.43 -31.40 -14.30
CA TRP A 227 -7.76 -30.82 -13.16
C TRP A 227 -7.62 -29.30 -13.26
N ALA A 228 -7.22 -28.80 -14.43
CA ALA A 228 -6.82 -27.41 -14.60
C ALA A 228 -8.00 -26.44 -14.71
N ASP A 229 -8.72 -26.29 -13.60
CA ASP A 229 -9.72 -25.24 -13.45
C ASP A 229 -9.06 -24.02 -12.82
N ALA A 230 -9.85 -22.96 -12.58
CA ALA A 230 -9.25 -21.72 -12.09
C ALA A 230 -8.66 -21.85 -10.69
N ARG A 231 -9.07 -22.87 -9.90
CA ARG A 231 -8.47 -23.07 -8.59
C ARG A 231 -7.13 -23.79 -8.71
N HIS A 232 -6.85 -24.37 -9.88
CA HIS A 232 -5.64 -25.16 -10.01
C HIS A 232 -4.67 -24.71 -11.09
N TYR A 233 -5.03 -23.79 -11.96
CA TYR A 233 -4.15 -23.42 -13.06
C TYR A 233 -4.39 -21.95 -13.40
N ARG A 234 -3.31 -21.21 -13.59
CA ARG A 234 -3.39 -19.84 -14.08
C ARG A 234 -2.27 -19.54 -15.06
N PHE A 235 -2.49 -18.53 -15.87
CA PHE A 235 -1.55 -17.96 -16.80
C PHE A 235 -1.39 -16.47 -16.61
N SER A 236 -0.17 -15.96 -16.78
CA SER A 236 0.05 -14.55 -17.06
CA SER A 236 0.05 -14.55 -17.04
CA SER A 236 0.08 -14.55 -17.02
C SER A 236 1.25 -14.40 -17.97
N ALA A 237 1.09 -13.63 -19.05
CA ALA A 237 2.23 -13.32 -19.90
C ALA A 237 1.89 -12.13 -20.78
N SER A 238 2.93 -11.35 -21.09
CA SER A 238 2.80 -10.27 -22.07
C SER A 238 2.33 -10.84 -23.39
N GLY A 239 1.27 -10.23 -23.94
CA GLY A 239 0.84 -10.52 -25.30
C GLY A 239 -0.13 -11.70 -25.37
N LEU A 240 -0.31 -12.44 -24.27
CA LEU A 240 -1.05 -13.69 -24.37
C LEU A 240 -2.54 -13.42 -24.63
N LEU A 241 -3.15 -12.47 -23.92
CA LEU A 241 -4.57 -12.25 -24.11
C LEU A 241 -4.85 -11.93 -25.57
N ALA A 242 -4.04 -11.05 -26.17
CA ALA A 242 -4.24 -10.67 -27.57
C ALA A 242 -4.13 -11.90 -28.46
N SER A 243 -3.17 -12.80 -28.18
CA SER A 243 -2.99 -13.96 -29.01
C SER A 243 -4.18 -14.90 -28.87
N LEU A 244 -4.67 -15.05 -27.63
CA LEU A 244 -5.82 -15.90 -27.40
C LEU A 244 -7.04 -15.35 -28.14
N LEU A 245 -7.27 -14.04 -28.01
CA LEU A 245 -8.41 -13.43 -28.66
C LEU A 245 -8.31 -13.56 -30.18
N LYS A 246 -7.10 -13.41 -30.75
CA LYS A 246 -6.90 -13.56 -32.18
C LYS A 246 -7.27 -14.96 -32.62
N ALA A 247 -6.85 -15.98 -31.85
CA ALA A 247 -7.16 -17.36 -32.16
C ALA A 247 -8.67 -17.58 -32.16
N LEU A 248 -9.40 -16.81 -31.34
CA LEU A 248 -10.83 -16.95 -31.18
C LEU A 248 -11.63 -16.04 -32.12
N GLY A 249 -10.94 -15.26 -32.96
CA GLY A 249 -11.60 -14.46 -33.97
C GLY A 249 -11.85 -13.01 -33.56
N HIS A 250 -11.15 -12.52 -32.53
CA HIS A 250 -11.30 -11.15 -32.07
C HIS A 250 -10.01 -10.35 -32.35
N ASP B 3 12.89 33.98 21.49
CA ASP B 3 14.13 33.16 21.41
C ASP B 3 14.00 32.20 20.23
N LEU B 4 14.62 32.58 19.12
CA LEU B 4 14.52 31.83 17.88
C LEU B 4 15.16 30.44 18.01
N LYS B 5 16.25 30.33 18.78
CA LYS B 5 16.86 29.01 18.94
C LYS B 5 15.90 28.08 19.69
N ALA B 6 15.29 28.58 20.75
CA ALA B 6 14.36 27.79 21.54
C ALA B 6 13.16 27.38 20.69
N SER B 7 12.60 28.32 19.90
CA SER B 7 11.46 27.99 19.08
C SER B 7 11.85 26.99 18.01
N SER B 8 13.10 27.07 17.52
CA SER B 8 13.51 26.21 16.42
C SER B 8 13.71 24.78 16.90
N LEU B 9 14.30 24.61 18.09
CA LEU B 9 14.41 23.28 18.66
C LEU B 9 13.04 22.67 18.92
N ARG B 10 12.14 23.49 19.42
CA ARG B 10 10.80 23.05 19.70
C ARG B 10 10.11 22.60 18.41
N ALA B 11 10.21 23.41 17.34
CA ALA B 11 9.58 23.06 16.06
C ALA B 11 10.18 21.79 15.46
N LEU B 12 11.52 21.63 15.56
CA LEU B 12 12.14 20.47 14.96
C LEU B 12 11.54 19.21 15.56
N LYS B 13 11.37 19.20 16.89
CA LYS B 13 10.89 18.04 17.60
C LYS B 13 9.39 17.80 17.39
N LEU B 14 8.74 18.73 16.67
CA LEU B 14 7.35 18.59 16.26
C LEU B 14 7.19 18.30 14.78
N MET B 15 8.28 18.03 14.07
CA MET B 15 8.15 17.83 12.64
C MET B 15 7.71 16.41 12.29
N ASP B 16 6.84 16.34 11.27
CA ASP B 16 6.63 15.12 10.50
C ASP B 16 7.47 15.29 9.24
N LEU B 17 8.66 14.69 9.23
CA LEU B 17 9.57 14.94 8.13
C LEU B 17 9.21 14.11 6.91
N SER B 18 9.10 14.75 5.74
CA SER B 18 8.76 14.03 4.52
C SER B 18 9.75 14.38 3.41
N THR B 19 9.80 13.56 2.34
CA THR B 19 10.44 13.91 1.07
C THR B 19 9.58 14.90 0.28
N GLY B 22 8.77 12.95 -3.19
CA GLY B 22 8.14 11.72 -2.67
C GLY B 22 9.14 10.56 -2.65
N ASP B 23 8.77 9.55 -1.85
CA ASP B 23 9.57 8.35 -1.60
C ASP B 23 9.18 7.27 -2.60
N TYR B 24 9.99 7.07 -3.63
CA TYR B 24 9.71 6.05 -4.63
C TYR B 24 10.80 5.01 -4.66
N THR B 25 11.85 5.24 -3.87
CA THR B 25 12.92 4.27 -3.80
C THR B 25 13.23 4.04 -2.33
N ASP B 26 13.78 2.85 -2.07
CA ASP B 26 14.22 2.54 -0.73
C ASP B 26 15.28 3.52 -0.28
N GLU B 27 16.21 3.91 -1.18
CA GLU B 27 17.28 4.82 -0.80
C GLU B 27 16.69 6.12 -0.26
N LYS B 28 15.62 6.62 -0.89
CA LYS B 28 15.03 7.88 -0.45
C LYS B 28 14.38 7.73 0.92
N VAL B 29 13.71 6.60 1.17
CA VAL B 29 13.11 6.38 2.46
C VAL B 29 14.19 6.27 3.54
N ILE B 30 15.27 5.51 3.24
CA ILE B 30 16.32 5.30 4.21
C ILE B 30 16.96 6.64 4.55
N ALA B 31 17.21 7.45 3.52
CA ALA B 31 17.81 8.77 3.73
C ALA B 31 16.91 9.66 4.60
N LEU B 32 15.61 9.56 4.37
CA LEU B 32 14.67 10.32 5.14
C LEU B 32 14.78 9.95 6.62
N CYS B 33 14.79 8.64 6.89
CA CYS B 33 14.93 8.18 8.25
C CYS B 33 16.23 8.72 8.88
N HIS B 34 17.34 8.68 8.12
CA HIS B 34 18.59 9.21 8.64
C HIS B 34 18.50 10.69 8.97
N GLN B 35 17.80 11.45 8.10
N GLN B 35 17.77 11.42 8.10
CA GLN B 35 17.68 12.88 8.27
CA GLN B 35 17.67 12.86 8.25
C GLN B 35 16.86 13.25 9.51
C GLN B 35 16.85 13.25 9.47
N ALA B 36 15.91 12.38 9.87
CA ALA B 36 15.06 12.60 11.01
C ALA B 36 15.81 12.54 12.35
N LYS B 37 16.96 11.86 12.34
CA LYS B 37 17.82 11.72 13.51
C LYS B 37 18.88 12.82 13.41
N THR B 38 18.55 13.99 13.96
CA THR B 38 19.35 15.18 13.72
C THR B 38 20.32 15.36 14.87
N PRO B 39 21.36 16.21 14.67
CA PRO B 39 22.32 16.44 15.74
C PRO B 39 21.75 17.05 17.01
N VAL B 40 20.54 17.66 16.92
CA VAL B 40 19.96 18.31 18.08
C VAL B 40 18.73 17.56 18.59
N GLY B 41 18.41 16.42 18.00
CA GLY B 41 17.26 15.65 18.42
C GLY B 41 16.53 15.05 17.22
N ASN B 42 15.54 14.24 17.55
CA ASN B 42 14.73 13.55 16.55
C ASN B 42 13.49 14.35 16.22
N THR B 43 13.10 14.30 14.96
CA THR B 43 11.76 14.79 14.63
C THR B 43 10.71 13.90 15.30
N ALA B 44 9.44 14.42 15.35
CA ALA B 44 8.38 13.63 15.95
C ALA B 44 8.08 12.37 15.14
N ALA B 45 8.14 12.54 13.83
CA ALA B 45 7.72 11.50 12.90
C ALA B 45 8.45 11.68 11.58
N ILE B 46 8.30 10.63 10.77
CA ILE B 46 8.55 10.72 9.34
C ILE B 46 7.19 10.44 8.68
N SER B 47 7.03 10.93 7.46
CA SER B 47 5.83 10.68 6.69
C SER B 47 6.26 10.09 5.35
N VAL B 48 5.66 8.95 5.03
CA VAL B 48 5.99 8.20 3.84
C VAL B 48 4.71 7.64 3.24
N TYR B 49 4.77 7.18 1.99
CA TYR B 49 3.64 6.48 1.42
C TYR B 49 3.51 5.12 2.09
N PRO B 50 2.30 4.52 2.12
CA PRO B 50 2.08 3.30 2.89
C PRO B 50 3.07 2.18 2.59
N ARG B 51 3.38 1.98 1.30
CA ARG B 51 4.23 0.87 0.91
C ARG B 51 5.62 1.00 1.48
N SER B 52 6.02 2.20 1.90
CA SER B 52 7.35 2.48 2.41
C SER B 52 7.46 2.21 3.91
N ILE B 53 6.34 1.95 4.58
CA ILE B 53 6.36 1.85 6.03
C ILE B 53 7.27 0.73 6.50
N PRO B 54 7.23 -0.51 5.93
CA PRO B 54 8.08 -1.58 6.48
C PRO B 54 9.56 -1.27 6.45
N ILE B 55 10.07 -0.75 5.33
CA ILE B 55 11.50 -0.45 5.26
C ILE B 55 11.85 0.71 6.16
N ALA B 56 10.94 1.67 6.31
CA ALA B 56 11.15 2.79 7.23
C ALA B 56 11.27 2.28 8.65
N ARG B 57 10.36 1.40 9.06
CA ARG B 57 10.40 0.89 10.42
C ARG B 57 11.73 0.17 10.66
N LYS B 58 12.14 -0.65 9.71
CA LYS B 58 13.40 -1.38 9.85
C LYS B 58 14.55 -0.40 10.06
N THR B 59 14.57 0.65 9.24
CA THR B 59 15.66 1.61 9.27
C THR B 59 15.66 2.37 10.59
N LEU B 60 14.48 2.86 11.05
CA LEU B 60 14.41 3.57 12.31
C LEU B 60 14.89 2.69 13.46
N LYS B 61 14.51 1.40 13.46
CA LYS B 61 15.00 0.49 14.50
C LYS B 61 16.52 0.34 14.41
N GLU B 62 17.05 0.17 13.19
CA GLU B 62 18.46 -0.11 13.04
C GLU B 62 19.34 1.06 13.49
N GLN B 63 18.84 2.28 13.30
CA GLN B 63 19.59 3.46 13.71
C GLN B 63 19.32 3.85 15.16
N GLY B 64 18.54 3.05 15.89
CA GLY B 64 18.35 3.34 17.31
C GLY B 64 17.37 4.47 17.58
N THR B 65 16.42 4.70 16.68
CA THR B 65 15.39 5.72 16.93
C THR B 65 14.01 5.10 16.76
N PRO B 66 13.67 4.07 17.54
CA PRO B 66 12.39 3.39 17.37
C PRO B 66 11.20 4.22 17.81
N GLU B 67 11.46 5.35 18.49
CA GLU B 67 10.36 6.18 19.00
C GLU B 67 9.94 7.23 17.97
N ILE B 68 10.66 7.36 16.86
CA ILE B 68 10.21 8.24 15.78
C ILE B 68 8.97 7.58 15.17
N ARG B 69 7.87 8.33 15.08
CA ARG B 69 6.61 7.78 14.59
C ARG B 69 6.66 7.70 13.08
N ILE B 70 5.90 6.75 12.55
CA ILE B 70 5.69 6.66 11.12
C ILE B 70 4.25 7.08 10.80
N ALA B 71 4.16 8.19 10.08
CA ALA B 71 2.89 8.67 9.57
C ALA B 71 2.83 8.36 8.09
N THR B 72 1.59 8.21 7.59
CA THR B 72 1.36 8.04 6.16
C THR B 72 0.10 8.81 5.76
N VAL B 73 -0.26 8.68 4.50
CA VAL B 73 -1.35 9.42 3.88
C VAL B 73 -2.28 8.45 3.22
N THR B 74 -3.58 8.75 3.31
CA THR B 74 -4.61 8.03 2.62
C THR B 74 -5.65 8.99 2.04
N ASN B 75 -6.44 8.47 1.11
CA ASN B 75 -7.36 9.27 0.31
C ASN B 75 -6.64 10.46 -0.32
N PHE B 76 -5.38 10.26 -0.73
CA PHE B 76 -4.45 11.33 -0.92
C PHE B 76 -3.92 11.40 -2.35
N PRO B 77 -3.70 12.61 -2.90
CA PRO B 77 -4.02 13.91 -2.28
C PRO B 77 -5.41 14.43 -2.61
N HIS B 78 -6.19 13.62 -3.34
CA HIS B 78 -7.41 14.09 -3.98
C HIS B 78 -8.56 14.39 -3.02
N GLY B 79 -8.66 13.72 -1.88
CA GLY B 79 -9.83 13.95 -1.04
C GLY B 79 -11.12 13.59 -1.76
N ASN B 80 -11.11 12.45 -2.47
CA ASN B 80 -12.30 11.94 -3.09
C ASN B 80 -13.31 11.50 -2.02
N ASP B 81 -14.58 11.35 -2.44
CA ASP B 81 -15.66 11.08 -1.50
C ASP B 81 -16.14 9.64 -1.53
N ASP B 82 -15.25 8.71 -1.90
CA ASP B 82 -15.55 7.29 -1.87
C ASP B 82 -15.05 6.71 -0.55
N ILE B 83 -15.96 6.48 0.37
CA ILE B 83 -15.61 6.07 1.72
C ILE B 83 -14.93 4.71 1.67
N GLU B 84 -15.43 3.78 0.87
CA GLU B 84 -14.88 2.44 0.85
C GLU B 84 -13.43 2.45 0.39
N ILE B 85 -13.09 3.29 -0.59
CA ILE B 85 -11.70 3.37 -1.01
C ILE B 85 -10.84 3.99 0.10
N ALA B 86 -11.27 5.10 0.68
CA ALA B 86 -10.49 5.74 1.74
C ALA B 86 -10.28 4.77 2.89
N LEU B 87 -11.31 4.02 3.23
CA LEU B 87 -11.21 3.07 4.34
C LEU B 87 -10.26 1.94 4.01
N ALA B 88 -10.33 1.38 2.79
CA ALA B 88 -9.45 0.29 2.42
C ALA B 88 -8.01 0.77 2.52
N GLU B 89 -7.74 1.98 2.05
CA GLU B 89 -6.40 2.53 2.08
C GLU B 89 -5.93 2.69 3.52
N THR B 90 -6.80 3.19 4.38
CA THR B 90 -6.51 3.38 5.78
C THR B 90 -6.23 2.04 6.45
N ARG B 91 -7.04 1.03 6.21
CA ARG B 91 -6.81 -0.30 6.75
C ARG B 91 -5.46 -0.82 6.29
N ALA B 92 -5.12 -0.61 5.01
CA ALA B 92 -3.83 -1.07 4.51
C ALA B 92 -2.69 -0.34 5.20
N ALA B 93 -2.80 0.97 5.37
CA ALA B 93 -1.76 1.72 6.07
C ALA B 93 -1.54 1.16 7.45
N ILE B 94 -2.63 0.87 8.17
CA ILE B 94 -2.53 0.29 9.49
C ILE B 94 -1.78 -1.06 9.39
N ALA B 95 -2.18 -1.90 8.44
CA ALA B 95 -1.60 -3.23 8.28
C ALA B 95 -0.11 -3.18 7.95
N TYR B 96 0.29 -2.17 7.18
CA TYR B 96 1.70 -2.00 6.87
C TYR B 96 2.52 -1.66 8.12
N GLY B 97 1.87 -1.08 9.14
CA GLY B 97 2.49 -0.71 10.39
C GLY B 97 2.48 0.78 10.73
N ALA B 98 1.63 1.58 10.11
CA ALA B 98 1.64 3.00 10.43
C ALA B 98 1.34 3.25 11.91
N ASP B 99 1.99 4.27 12.46
CA ASP B 99 1.61 4.80 13.75
C ASP B 99 0.50 5.85 13.64
N GLU B 100 0.49 6.52 12.49
CA GLU B 100 -0.46 7.61 12.27
C GLU B 100 -0.85 7.62 10.82
N VAL B 101 -2.11 7.93 10.55
CA VAL B 101 -2.63 8.05 9.20
C VAL B 101 -3.20 9.44 9.03
N ASP B 102 -2.79 10.13 7.97
CA ASP B 102 -3.31 11.45 7.61
C ASP B 102 -4.20 11.23 6.41
N VAL B 103 -5.54 11.31 6.61
CA VAL B 103 -6.52 11.11 5.56
C VAL B 103 -7.00 12.45 5.04
N VAL B 104 -7.19 12.54 3.73
CA VAL B 104 -7.76 13.76 3.14
C VAL B 104 -9.28 13.74 3.25
N PHE B 105 -9.78 14.79 3.92
CA PHE B 105 -11.21 15.06 3.98
C PHE B 105 -11.78 15.26 2.58
N PRO B 106 -13.04 14.84 2.36
CA PRO B 106 -13.70 15.11 1.07
C PRO B 106 -14.16 16.55 1.00
N TYR B 107 -13.19 17.43 0.75
CA TYR B 107 -13.45 18.86 0.79
C TYR B 107 -14.30 19.28 -0.40
N ARG B 108 -14.14 18.69 -1.58
CA ARG B 108 -15.00 19.09 -2.68
C ARG B 108 -16.44 18.72 -2.40
N ALA B 109 -16.67 17.59 -1.73
CA ALA B 109 -18.04 17.24 -1.40
C ALA B 109 -18.63 18.27 -0.44
N LEU B 110 -17.85 18.75 0.52
CA LEU B 110 -18.33 19.75 1.45
C LEU B 110 -18.66 21.05 0.72
N MET B 111 -17.81 21.41 -0.24
CA MET B 111 -18.03 22.63 -1.02
C MET B 111 -19.30 22.49 -1.85
N ALA B 112 -19.70 21.25 -2.15
CA ALA B 112 -20.93 20.97 -2.87
C ALA B 112 -22.11 20.70 -1.92
N GLY B 113 -21.95 21.04 -0.63
CA GLY B 113 -23.02 20.99 0.34
C GLY B 113 -23.25 19.66 1.02
N ASN B 114 -22.33 18.70 0.83
CA ASN B 114 -22.48 17.40 1.45
C ASN B 114 -21.55 17.32 2.65
N GLU B 115 -22.10 17.61 3.83
CA GLU B 115 -21.39 17.53 5.08
C GLU B 115 -21.33 16.08 5.55
N GLN B 116 -22.35 15.30 5.24
CA GLN B 116 -22.48 13.97 5.83
C GLN B 116 -21.37 13.05 5.36
N VAL B 117 -20.98 13.13 4.09
CA VAL B 117 -19.98 12.20 3.61
C VAL B 117 -18.65 12.46 4.30
N GLY B 118 -18.32 13.73 4.59
CA GLY B 118 -17.10 14.02 5.33
C GLY B 118 -17.12 13.39 6.72
N PHE B 119 -18.27 13.52 7.39
CA PHE B 119 -18.42 12.91 8.70
C PHE B 119 -18.20 11.40 8.60
N ASP B 120 -18.91 10.79 7.67
CA ASP B 120 -18.92 9.35 7.57
C ASP B 120 -17.53 8.83 7.19
N LEU B 121 -16.83 9.54 6.30
CA LEU B 121 -15.52 9.08 5.84
C LEU B 121 -14.55 9.17 6.99
N VAL B 122 -14.50 10.31 7.69
CA VAL B 122 -13.60 10.44 8.80
C VAL B 122 -13.94 9.42 9.86
N LYS B 123 -15.22 9.24 10.18
CA LYS B 123 -15.60 8.31 11.22
C LYS B 123 -15.13 6.89 10.88
N ALA B 124 -15.35 6.45 9.63
CA ALA B 124 -14.94 5.11 9.25
C ALA B 124 -13.43 4.93 9.46
N CYS B 125 -12.65 5.90 9.00
CA CYS B 125 -11.20 5.83 9.09
C CYS B 125 -10.76 5.91 10.55
N LYS B 126 -11.41 6.75 11.36
CA LYS B 126 -11.07 6.85 12.77
C LYS B 126 -11.35 5.52 13.48
N GLU B 127 -12.48 4.87 13.17
CA GLU B 127 -12.77 3.60 13.83
C GLU B 127 -11.69 2.57 13.55
N ALA B 128 -11.25 2.52 12.28
CA ALA B 128 -10.19 1.58 11.92
C ALA B 128 -8.90 1.91 12.68
N CYS B 129 -8.54 3.19 12.70
CA CYS B 129 -7.33 3.60 13.38
C CYS B 129 -7.40 3.32 14.87
N ALA B 130 -8.53 3.67 15.50
CA ALA B 130 -8.65 3.52 16.92
C ALA B 130 -8.51 2.08 17.34
N ALA B 131 -9.05 1.16 16.52
CA ALA B 131 -8.97 -0.26 16.84
C ALA B 131 -7.53 -0.76 16.85
N ALA B 132 -6.63 -0.02 16.20
CA ALA B 132 -5.23 -0.39 16.10
C ALA B 132 -4.30 0.52 16.93
N ASN B 133 -4.87 1.40 17.76
CA ASN B 133 -4.08 2.38 18.52
C ASN B 133 -3.25 3.28 17.59
N VAL B 134 -3.83 3.64 16.45
CA VAL B 134 -3.23 4.51 15.46
C VAL B 134 -3.91 5.86 15.52
N LEU B 135 -3.14 6.95 15.43
CA LEU B 135 -3.73 8.27 15.43
C LEU B 135 -4.18 8.63 14.02
N LEU B 136 -5.33 9.34 13.94
CA LEU B 136 -5.85 9.82 12.67
C LEU B 136 -5.72 11.33 12.61
N LYS B 137 -5.00 11.83 11.61
CA LYS B 137 -5.03 13.24 11.26
C LYS B 137 -5.94 13.39 10.06
N VAL B 138 -6.71 14.50 9.99
CA VAL B 138 -7.58 14.79 8.87
C VAL B 138 -7.13 16.06 8.18
N ILE B 139 -6.77 15.91 6.90
CA ILE B 139 -6.35 17.02 6.07
C ILE B 139 -7.59 17.67 5.45
N ILE B 140 -7.82 18.94 5.79
CA ILE B 140 -9.05 19.57 5.27
C ILE B 140 -8.80 20.36 3.99
N GLU B 141 -7.55 20.67 3.64
CA GLU B 141 -7.21 21.37 2.42
C GLU B 141 -7.72 22.80 2.45
N THR B 142 -7.21 23.56 3.40
CA THR B 142 -7.64 24.94 3.60
C THR B 142 -7.47 25.78 2.35
N GLY B 143 -6.42 25.52 1.56
CA GLY B 143 -6.15 26.31 0.40
C GLY B 143 -7.12 26.07 -0.76
N GLU B 144 -7.91 24.98 -0.70
CA GLU B 144 -8.98 24.77 -1.65
C GLU B 144 -10.29 25.24 -1.06
N LEU B 145 -10.51 25.00 0.23
CA LEU B 145 -11.74 25.52 0.85
C LEU B 145 -11.82 27.04 0.79
N LYS B 146 -10.73 27.70 1.15
CA LYS B 146 -10.51 29.14 1.07
C LYS B 146 -11.32 29.96 2.08
N ASP B 147 -12.62 29.77 2.11
CA ASP B 147 -13.52 30.56 2.92
CA ASP B 147 -13.49 30.60 2.94
C ASP B 147 -13.40 30.16 4.39
N GLU B 148 -13.37 31.14 5.28
CA GLU B 148 -13.29 30.88 6.70
C GLU B 148 -14.41 29.95 7.17
N ALA B 149 -15.64 30.22 6.75
CA ALA B 149 -16.77 29.40 7.19
C ALA B 149 -16.57 27.93 6.79
N LEU B 150 -16.06 27.67 5.58
CA LEU B 150 -15.82 26.30 5.14
C LEU B 150 -14.68 25.65 5.89
N ILE B 151 -13.62 26.42 6.19
CA ILE B 151 -12.53 25.87 6.98
C ILE B 151 -13.03 25.47 8.35
N ARG B 152 -13.86 26.34 8.96
CA ARG B 152 -14.40 26.01 10.27
C ARG B 152 -15.28 24.78 10.19
N LYS B 153 -16.17 24.74 9.17
CA LYS B 153 -17.08 23.61 9.07
C LYS B 153 -16.32 22.28 8.87
N ALA B 154 -15.32 22.26 7.98
CA ALA B 154 -14.56 21.03 7.76
C ALA B 154 -13.82 20.61 9.04
N SER B 155 -13.34 21.59 9.77
CA SER B 155 -12.65 21.32 11.03
C SER B 155 -13.61 20.70 12.04
N GLU B 156 -14.79 21.31 12.13
CA GLU B 156 -15.82 20.87 13.06
C GLU B 156 -16.28 19.45 12.75
N ILE B 157 -16.62 19.19 11.48
CA ILE B 157 -17.08 17.86 11.10
C ILE B 157 -15.99 16.81 11.41
N SER B 158 -14.75 17.15 11.08
CA SER B 158 -13.64 16.23 11.34
C SER B 158 -13.51 15.87 12.81
N ILE B 159 -13.60 16.91 13.65
CA ILE B 159 -13.56 16.74 15.08
C ILE B 159 -14.70 15.88 15.58
N LYS B 160 -15.91 16.24 15.18
CA LYS B 160 -17.08 15.47 15.61
C LYS B 160 -16.99 14.00 15.23
N ALA B 161 -16.36 13.71 14.08
CA ALA B 161 -16.19 12.34 13.59
C ALA B 161 -15.05 11.60 14.27
N GLY B 162 -14.23 12.30 15.06
CA GLY B 162 -13.21 11.66 15.87
C GLY B 162 -11.77 11.94 15.47
N ALA B 163 -11.52 12.94 14.62
CA ALA B 163 -10.15 13.26 14.25
C ALA B 163 -9.31 13.48 15.50
N ASP B 164 -8.08 12.93 15.50
CA ASP B 164 -7.13 13.19 16.57
C ASP B 164 -6.29 14.42 16.29
N PHE B 165 -6.19 14.80 15.03
CA PHE B 165 -5.55 16.03 14.58
C PHE B 165 -6.35 16.57 13.40
N ILE B 166 -6.36 17.89 13.25
CA ILE B 166 -6.77 18.51 12.02
C ILE B 166 -5.55 19.18 11.40
N LYS B 167 -5.43 19.00 10.08
CA LYS B 167 -4.22 19.34 9.35
C LYS B 167 -4.60 20.25 8.18
N THR B 168 -3.77 21.26 7.92
CA THR B 168 -4.17 22.26 6.96
C THR B 168 -4.31 21.71 5.55
N SER B 169 -3.30 20.93 5.11
CA SER B 169 -3.04 20.83 3.70
C SER B 169 -2.34 19.53 3.31
N THR B 170 -2.44 19.22 2.02
CA THR B 170 -1.72 18.08 1.46
C THR B 170 -0.29 18.45 1.09
N GLY B 171 -0.03 19.73 0.82
CA GLY B 171 1.22 20.14 0.20
C GLY B 171 1.23 19.92 -1.31
N ARG B 172 0.09 19.54 -1.91
CA ARG B 172 0.04 19.19 -3.31
C ARG B 172 -0.79 20.18 -4.13
N VAL B 173 -1.33 21.21 -3.48
CA VAL B 173 -2.07 22.24 -4.17
C VAL B 173 -1.32 23.56 -4.05
N ALA B 174 -1.79 24.60 -4.75
CA ALA B 174 -1.07 25.86 -4.80
C ALA B 174 -0.99 26.57 -3.45
N VAL B 175 -2.06 26.49 -2.66
CA VAL B 175 -2.14 27.19 -1.40
C VAL B 175 -2.21 26.16 -0.30
N ASN B 176 -1.24 26.25 0.62
CA ASN B 176 -1.14 25.35 1.75
C ASN B 176 -1.40 26.20 2.98
N ALA B 177 -0.74 25.94 4.10
CA ALA B 177 -1.05 26.64 5.32
C ALA B 177 -0.73 28.12 5.18
N THR B 178 -1.50 28.93 5.91
CA THR B 178 -1.21 30.32 6.18
C THR B 178 -1.42 30.53 7.67
N PRO B 179 -0.87 31.62 8.24
CA PRO B 179 -1.13 31.93 9.65
C PRO B 179 -2.61 32.09 9.92
N GLU B 180 -3.34 32.65 8.94
CA GLU B 180 -4.78 32.84 9.13
C GLU B 180 -5.51 31.50 9.20
N SER B 181 -5.23 30.59 8.27
CA SER B 181 -5.94 29.33 8.31
CA SER B 181 -5.82 29.26 8.25
C SER B 181 -5.53 28.53 9.55
N ALA B 182 -4.27 28.62 10.00
CA ALA B 182 -3.87 27.97 11.24
C ALA B 182 -4.67 28.53 12.43
N ARG B 183 -4.78 29.86 12.50
CA ARG B 183 -5.52 30.47 13.58
C ARG B 183 -6.97 29.99 13.55
N ILE B 184 -7.60 30.03 12.36
CA ILE B 184 -8.97 29.59 12.26
C ILE B 184 -9.18 28.19 12.81
N MET B 185 -8.29 27.27 12.37
CA MET B 185 -8.43 25.88 12.77
C MET B 185 -8.22 25.68 14.26
N MET B 186 -7.23 26.37 14.82
CA MET B 186 -7.02 26.27 16.25
C MET B 186 -8.15 26.93 17.05
N GLU B 187 -8.75 27.99 16.50
CA GLU B 187 -9.94 28.55 17.13
C GLU B 187 -11.08 27.55 17.18
N VAL B 188 -11.24 26.74 16.15
CA VAL B 188 -12.27 25.71 16.17
C VAL B 188 -12.01 24.73 17.32
N ILE B 189 -10.75 24.28 17.46
CA ILE B 189 -10.42 23.39 18.55
C ILE B 189 -10.81 24.02 19.88
N ARG B 190 -10.44 25.29 20.06
CA ARG B 190 -10.75 25.96 21.32
C ARG B 190 -12.25 26.12 21.50
N ASP B 191 -12.95 26.55 20.46
CA ASP B 191 -14.38 26.84 20.56
C ASP B 191 -15.16 25.55 20.85
N MET B 192 -14.72 24.42 20.29
CA MET B 192 -15.36 23.15 20.54
C MET B 192 -15.00 22.54 21.90
N GLY B 193 -13.94 23.07 22.51
CA GLY B 193 -13.49 22.60 23.81
C GLY B 193 -12.67 21.32 23.78
N VAL B 194 -12.04 21.02 22.64
CA VAL B 194 -11.46 19.70 22.40
C VAL B 194 -9.95 19.73 22.43
N GLU B 195 -9.33 20.77 22.95
CA GLU B 195 -7.89 20.91 22.92
C GLU B 195 -7.17 19.77 23.64
N LYS B 196 -7.81 19.06 24.56
CA LYS B 196 -7.13 17.94 25.20
C LYS B 196 -6.92 16.79 24.22
N SER B 197 -7.85 16.62 23.28
CA SER B 197 -7.90 15.41 22.45
C SER B 197 -7.57 15.67 20.97
N VAL B 198 -7.48 16.92 20.53
CA VAL B 198 -7.30 17.22 19.12
C VAL B 198 -6.10 18.12 18.97
N GLY B 199 -5.18 17.68 18.12
CA GLY B 199 -4.03 18.46 17.74
C GLY B 199 -4.22 19.17 16.42
N PHE B 200 -3.23 19.99 16.09
CA PHE B 200 -3.17 20.80 14.89
C PHE B 200 -1.86 20.54 14.15
N LYS B 201 -1.94 20.37 12.83
CA LYS B 201 -0.75 20.20 12.00
CA LYS B 201 -0.75 20.21 12.00
C LYS B 201 -0.73 21.20 10.85
N VAL B 202 0.38 21.90 10.74
CA VAL B 202 0.72 22.85 9.70
CA VAL B 202 0.59 22.81 9.65
C VAL B 202 1.44 22.11 8.59
N THR B 203 0.93 22.16 7.38
CA THR B 203 1.62 21.62 6.21
C THR B 203 1.77 22.75 5.22
N GLY B 204 3.02 22.99 4.80
CA GLY B 204 3.36 24.06 3.89
C GLY B 204 3.29 25.40 4.60
N GLY B 205 3.69 26.46 3.90
CA GLY B 205 3.62 27.81 4.43
C GLY B 205 4.57 28.09 5.59
N VAL B 206 5.51 27.18 5.86
CA VAL B 206 6.39 27.37 6.99
C VAL B 206 7.81 27.02 6.54
N SER B 207 8.43 27.97 5.86
CA SER B 207 9.69 27.73 5.17
C SER B 207 10.84 27.95 6.13
N THR B 208 10.68 28.85 7.09
CA THR B 208 11.81 29.28 7.88
C THR B 208 11.54 29.08 9.36
N ALA B 209 12.62 29.12 10.12
CA ALA B 209 12.57 29.12 11.58
C ALA B 209 11.70 30.27 12.10
N GLU B 210 11.80 31.43 11.45
CA GLU B 210 10.98 32.58 11.83
C GLU B 210 9.48 32.28 11.65
N ASP B 211 9.15 31.65 10.53
CA ASP B 211 7.78 31.25 10.29
C ASP B 211 7.29 30.29 11.37
N ALA B 212 8.11 29.29 11.69
CA ALA B 212 7.70 28.29 12.66
C ALA B 212 7.40 28.95 14.00
N GLN B 213 8.22 29.94 14.38
CA GLN B 213 8.02 30.62 15.64
C GLN B 213 6.64 31.29 15.62
N LYS B 214 6.23 31.88 14.50
CA LYS B 214 4.94 32.57 14.42
C LYS B 214 3.79 31.57 14.60
N TYR B 215 3.90 30.40 13.94
CA TYR B 215 2.84 29.42 14.06
C TYR B 215 2.71 28.90 15.48
N LEU B 216 3.86 28.66 16.12
CA LEU B 216 3.85 28.21 17.50
C LEU B 216 3.26 29.29 18.40
N ALA B 217 3.54 30.55 18.11
CA ALA B 217 3.00 31.64 18.93
C ALA B 217 1.47 31.64 18.94
N ILE B 218 0.87 31.29 17.81
CA ILE B 218 -0.58 31.24 17.74
C ILE B 218 -1.10 30.23 18.76
N ALA B 219 -0.53 29.04 18.75
CA ALA B 219 -0.93 27.99 19.68
C ALA B 219 -0.71 28.44 21.13
N ASP B 220 0.48 29.01 21.41
CA ASP B 220 0.80 29.44 22.75
C ASP B 220 -0.21 30.48 23.26
N GLU B 221 -0.62 31.39 22.36
CA GLU B 221 -1.61 32.41 22.74
C GLU B 221 -2.99 31.80 23.01
N LEU B 222 -3.40 30.82 22.22
CA LEU B 222 -4.73 30.26 22.37
C LEU B 222 -4.82 29.29 23.54
N PHE B 223 -3.77 28.48 23.77
CA PHE B 223 -3.90 27.34 24.65
C PHE B 223 -2.89 27.34 25.79
N GLY B 224 -1.93 28.26 25.78
CA GLY B 224 -0.84 28.24 26.74
C GLY B 224 0.35 27.55 26.14
N ALA B 225 1.52 27.88 26.66
CA ALA B 225 2.78 27.51 26.06
C ALA B 225 3.09 26.01 26.20
N ASP B 226 2.39 25.31 27.09
CA ASP B 226 2.62 23.88 27.30
C ASP B 226 1.79 22.99 26.36
N TRP B 227 0.86 23.57 25.62
CA TRP B 227 -0.11 22.76 24.89
C TRP B 227 0.56 22.01 23.73
N ALA B 228 1.39 22.73 22.96
CA ALA B 228 1.92 22.24 21.69
C ALA B 228 3.06 21.22 21.85
N ASP B 229 2.73 20.07 22.41
CA ASP B 229 3.62 18.92 22.45
C ASP B 229 3.32 18.09 21.19
N ALA B 230 4.03 16.99 21.03
CA ALA B 230 3.91 16.22 19.82
C ALA B 230 2.55 15.55 19.64
N ARG B 231 1.75 15.43 20.72
CA ARG B 231 0.40 14.92 20.57
C ARG B 231 -0.55 16.01 20.08
N HIS B 232 -0.13 17.27 20.13
CA HIS B 232 -1.04 18.36 19.81
C HIS B 232 -0.56 19.27 18.69
N TYR B 233 0.67 19.14 18.20
CA TYR B 233 1.16 20.09 17.22
C TYR B 233 2.21 19.39 16.35
N ARG B 234 2.11 19.59 15.05
CA ARG B 234 3.09 19.12 14.11
C ARG B 234 3.35 20.13 13.02
N PHE B 235 4.53 20.04 12.40
CA PHE B 235 4.92 20.78 11.22
C PHE B 235 5.39 19.86 10.11
N SER B 236 5.09 20.24 8.87
N SER B 236 5.06 20.21 8.88
CA SER B 236 5.74 19.66 7.71
CA SER B 236 5.78 19.67 7.73
C SER B 236 5.86 20.70 6.61
C SER B 236 5.89 20.77 6.69
N ALA B 237 7.06 20.91 6.08
CA ALA B 237 7.27 21.79 4.96
C ALA B 237 8.62 21.50 4.35
N SER B 238 8.67 21.62 3.04
CA SER B 238 9.94 21.51 2.33
C SER B 238 10.87 22.62 2.83
N GLY B 239 12.11 22.26 3.16
CA GLY B 239 13.13 23.23 3.49
C GLY B 239 13.15 23.62 4.96
N LEU B 240 12.10 23.27 5.72
CA LEU B 240 12.02 23.75 7.09
C LEU B 240 13.10 23.14 7.97
N LEU B 241 13.34 21.82 7.86
CA LEU B 241 14.34 21.21 8.73
C LEU B 241 15.69 21.91 8.57
N ALA B 242 16.09 22.17 7.31
CA ALA B 242 17.36 22.82 7.05
C ALA B 242 17.40 24.20 7.72
N SER B 243 16.28 24.93 7.65
CA SER B 243 16.24 26.26 8.21
C SER B 243 16.35 26.17 9.74
N LEU B 244 15.65 25.20 10.33
CA LEU B 244 15.71 25.03 11.77
C LEU B 244 17.13 24.71 12.22
N LEU B 245 17.76 23.78 11.49
CA LEU B 245 19.11 23.39 11.84
C LEU B 245 20.07 24.57 11.69
N LYS B 246 19.90 25.38 10.65
CA LYS B 246 20.72 26.55 10.45
C LYS B 246 20.57 27.52 11.62
N ALA B 247 19.32 27.74 12.08
CA ALA B 247 19.07 28.60 13.22
C ALA B 247 19.81 28.10 14.46
N LEU B 248 19.97 26.77 14.55
CA LEU B 248 20.59 26.15 15.70
C LEU B 248 22.10 25.96 15.55
N GLY B 249 22.68 26.38 14.42
CA GLY B 249 24.12 26.35 14.22
C GLY B 249 24.64 25.09 13.52
N HIS B 250 23.75 24.41 12.79
CA HIS B 250 24.12 23.22 12.01
C HIS B 250 24.00 23.50 10.51
#